data_2LDJ
# 
_entry.id   2LDJ 
# 
_audit_conform.dict_name       mmcif_pdbx.dic 
_audit_conform.dict_version    5.397 
_audit_conform.dict_location   http://mmcif.pdb.org/dictionaries/ascii/mmcif_pdbx.dic 
# 
loop_
_database_2.database_id 
_database_2.database_code 
_database_2.pdbx_database_accession 
_database_2.pdbx_DOI 
PDB   2LDJ         pdb_00002ldj 10.2210/pdb2ldj/pdb 
RCSB  RCSB102263   ?            ?                   
BMRB  17669        ?            10.13018/BMR17669   
WWPDB D_1000102263 ?            ?                   
# 
loop_
_pdbx_audit_revision_history.ordinal 
_pdbx_audit_revision_history.data_content_type 
_pdbx_audit_revision_history.major_revision 
_pdbx_audit_revision_history.minor_revision 
_pdbx_audit_revision_history.revision_date 
1 'Structure model' 1 0 2011-11-23 
2 'Structure model' 1 1 2011-11-30 
3 'Structure model' 1 2 2023-06-14 
4 'Structure model' 1 3 2024-10-30 
# 
_pdbx_audit_revision_details.ordinal             1 
_pdbx_audit_revision_details.revision_ordinal    1 
_pdbx_audit_revision_details.data_content_type   'Structure model' 
_pdbx_audit_revision_details.provider            repository 
_pdbx_audit_revision_details.type                'Initial release' 
_pdbx_audit_revision_details.description         ? 
_pdbx_audit_revision_details.details             ? 
# 
loop_
_pdbx_audit_revision_group.ordinal 
_pdbx_audit_revision_group.revision_ordinal 
_pdbx_audit_revision_group.data_content_type 
_pdbx_audit_revision_group.group 
1 2 'Structure model' 'Database references'  
2 3 'Structure model' 'Database references'  
3 3 'Structure model' 'Derived calculations' 
4 3 'Structure model' Other                  
5 4 'Structure model' 'Data collection'      
6 4 'Structure model' 'Database references'  
7 4 'Structure model' 'Structure summary'    
# 
loop_
_pdbx_audit_revision_category.ordinal 
_pdbx_audit_revision_category.revision_ordinal 
_pdbx_audit_revision_category.data_content_type 
_pdbx_audit_revision_category.category 
1 3 'Structure model' database_2           
2 3 'Structure model' pdbx_database_status 
3 3 'Structure model' struct_conn          
4 3 'Structure model' struct_site          
5 4 'Structure model' chem_comp_atom       
6 4 'Structure model' chem_comp_bond       
7 4 'Structure model' database_2           
8 4 'Structure model' pdbx_entry_details   
# 
loop_
_pdbx_audit_revision_item.ordinal 
_pdbx_audit_revision_item.revision_ordinal 
_pdbx_audit_revision_item.data_content_type 
_pdbx_audit_revision_item.item 
1 3 'Structure model' '_database_2.pdbx_DOI'                       
2 3 'Structure model' '_database_2.pdbx_database_accession'        
3 3 'Structure model' '_pdbx_database_status.status_code_nmr_data' 
4 3 'Structure model' '_struct_conn.pdbx_leaving_atom_flag'        
5 3 'Structure model' '_struct_site.pdbx_auth_asym_id'             
6 3 'Structure model' '_struct_site.pdbx_auth_comp_id'             
7 3 'Structure model' '_struct_site.pdbx_auth_seq_id'              
8 4 'Structure model' '_database_2.pdbx_DOI'                       
# 
_pdbx_database_status.deposit_site                    BMRB 
_pdbx_database_status.entry_id                        2LDJ 
_pdbx_database_status.process_site                    RCSB 
_pdbx_database_status.recvd_initial_deposition_date   2011-05-27 
_pdbx_database_status.SG_entry                        ? 
_pdbx_database_status.status_code                     REL 
_pdbx_database_status.status_code_mr                  REL 
_pdbx_database_status.status_code_sf                  ? 
_pdbx_database_status.status_code_cs                  REL 
_pdbx_database_status.methods_development_category    ? 
_pdbx_database_status.pdb_format_compatible           Y 
_pdbx_database_status.status_code_nmr_data            REL 
# 
_pdbx_database_related.db_id          17669 
_pdbx_database_related.db_name        BMRB 
_pdbx_database_related.content_type   unspecified 
_pdbx_database_related.details        . 
# 
loop_
_audit_author.name 
_audit_author.pdbx_ordinal 
'Granillo, A.R.' 1 
'Annavarapu, S.' 2 
'Zhang, L.'      3 
'Koder, R.'      4 
'Nanda, V.'      5 
# 
_citation.id                        primary 
_citation.title                     'Computational Design of Thermostabilizing d-Amino Acid Substitutions.' 
_citation.journal_abbrev            J.Am.Chem.Soc. 
_citation.journal_volume            133 
_citation.page_first                18750 
_citation.page_last                 18759 
_citation.year                      2011 
_citation.journal_id_ASTM           JACSAT 
_citation.country                   US 
_citation.journal_id_ISSN           0002-7863 
_citation.journal_id_CSD            0004 
_citation.book_publisher            ? 
_citation.pdbx_database_id_PubMed   21978298 
_citation.pdbx_database_id_DOI      10.1021/ja205609c 
# 
loop_
_citation_author.citation_id 
_citation_author.name 
_citation_author.ordinal 
_citation_author.identifier_ORCID 
primary 'Rodriguez-Granillo, A.' 1 ? 
primary 'Annavarapu, S.'         2 ? 
primary 'Zhang, L.'              3 ? 
primary 'Koder, R.L.'            4 ? 
primary 'Nanda, V.'              5 ? 
# 
_entity.id                         1 
_entity.type                       polymer 
_entity.src_method                 syn 
_entity.pdbx_description           'Trp-Cage mini-protein' 
_entity.formula_weight             2242.490 
_entity.pdbx_number_of_molecules   1 
_entity.pdbx_ec                    ? 
_entity.pdbx_mutation              ? 
_entity.pdbx_fragment              ? 
_entity.details                    ? 
# 
_entity_poly.entity_id                      1 
_entity_poly.type                           'polypeptide(L)' 
_entity_poly.nstd_linkage                   no 
_entity_poly.nstd_monomer                   yes 
_entity_poly.pdbx_seq_one_letter_code       'NLYIQWLKD(DGN)GPSSGRPPPS' 
_entity_poly.pdbx_seq_one_letter_code_can   NLYIQWLKDQGPSSGRPPPS 
_entity_poly.pdbx_strand_id                 A 
_entity_poly.pdbx_target_identifier         ? 
# 
loop_
_entity_poly_seq.entity_id 
_entity_poly_seq.num 
_entity_poly_seq.mon_id 
_entity_poly_seq.hetero 
1 1  ASN n 
1 2  LEU n 
1 3  TYR n 
1 4  ILE n 
1 5  GLN n 
1 6  TRP n 
1 7  LEU n 
1 8  LYS n 
1 9  ASP n 
1 10 DGN n 
1 11 GLY n 
1 12 PRO n 
1 13 SER n 
1 14 SER n 
1 15 GLY n 
1 16 ARG n 
1 17 PRO n 
1 18 PRO n 
1 19 PRO n 
1 20 SER n 
# 
loop_
_chem_comp.id 
_chem_comp.type 
_chem_comp.mon_nstd_flag 
_chem_comp.name 
_chem_comp.pdbx_synonyms 
_chem_comp.formula 
_chem_comp.formula_weight 
ARG 'L-peptide linking' y ARGININE        ? 'C6 H15 N4 O2 1' 175.209 
ASN 'L-peptide linking' y ASPARAGINE      ? 'C4 H8 N2 O3'    132.118 
ASP 'L-peptide linking' y 'ASPARTIC ACID' ? 'C4 H7 N O4'     133.103 
DGN 'D-peptide linking' . D-GLUTAMINE     ? 'C5 H10 N2 O3'   146.144 
GLN 'L-peptide linking' y GLUTAMINE       ? 'C5 H10 N2 O3'   146.144 
GLY 'peptide linking'   y GLYCINE         ? 'C2 H5 N O2'     75.067  
ILE 'L-peptide linking' y ISOLEUCINE      ? 'C6 H13 N O2'    131.173 
LEU 'L-peptide linking' y LEUCINE         ? 'C6 H13 N O2'    131.173 
LYS 'L-peptide linking' y LYSINE          ? 'C6 H15 N2 O2 1' 147.195 
PRO 'L-peptide linking' y PROLINE         ? 'C5 H9 N O2'     115.130 
SER 'L-peptide linking' y SERINE          ? 'C3 H7 N O3'     105.093 
TRP 'L-peptide linking' y TRYPTOPHAN      ? 'C11 H12 N2 O2'  204.225 
TYR 'L-peptide linking' y TYROSINE        ? 'C9 H11 N O3'    181.189 
# 
loop_
_pdbx_poly_seq_scheme.asym_id 
_pdbx_poly_seq_scheme.entity_id 
_pdbx_poly_seq_scheme.seq_id 
_pdbx_poly_seq_scheme.mon_id 
_pdbx_poly_seq_scheme.ndb_seq_num 
_pdbx_poly_seq_scheme.pdb_seq_num 
_pdbx_poly_seq_scheme.auth_seq_num 
_pdbx_poly_seq_scheme.pdb_mon_id 
_pdbx_poly_seq_scheme.auth_mon_id 
_pdbx_poly_seq_scheme.pdb_strand_id 
_pdbx_poly_seq_scheme.pdb_ins_code 
_pdbx_poly_seq_scheme.hetero 
A 1 1  ASN 1  1  1  ASN ASN A . n 
A 1 2  LEU 2  2  2  LEU LEU A . n 
A 1 3  TYR 3  3  3  TYR TYR A . n 
A 1 4  ILE 4  4  4  ILE ILE A . n 
A 1 5  GLN 5  5  5  GLN GLN A . n 
A 1 6  TRP 6  6  6  TRP TRP A . n 
A 1 7  LEU 7  7  7  LEU LEU A . n 
A 1 8  LYS 8  8  8  LYS LYS A . n 
A 1 9  ASP 9  9  9  ASP ASP A . n 
A 1 10 DGN 10 10 10 DGN GND A . n 
A 1 11 GLY 11 11 11 GLY GLY A . n 
A 1 12 PRO 12 12 12 PRO PRO A . n 
A 1 13 SER 13 13 13 SER SER A . n 
A 1 14 SER 14 14 14 SER SER A . n 
A 1 15 GLY 15 15 15 GLY GLY A . n 
A 1 16 ARG 16 16 16 ARG ARG A . n 
A 1 17 PRO 17 17 17 PRO PRO A . n 
A 1 18 PRO 18 18 18 PRO PRO A . n 
A 1 19 PRO 19 19 19 PRO PRO A . n 
A 1 20 SER 20 20 20 SER SER A . n 
# 
_exptl.absorpt_coefficient_mu     ? 
_exptl.absorpt_correction_T_max   ? 
_exptl.absorpt_correction_T_min   ? 
_exptl.absorpt_correction_type    ? 
_exptl.absorpt_process_details    ? 
_exptl.crystals_number            ? 
_exptl.details                    ? 
_exptl.entry_id                   2LDJ 
_exptl.method                     'SOLUTION NMR' 
_exptl.method_details             ? 
# 
_struct.entry_id                  2LDJ 
_struct.title                     '1H Chemical Shift Assignments and structure of Trp-Cage mini-protein with D-amino acid' 
_struct.pdbx_model_details        'fewest violations, model 1' 
_struct.pdbx_CASP_flag            ? 
_struct.pdbx_model_type_details   ? 
# 
_struct_keywords.entry_id        2LDJ 
_struct_keywords.pdbx_keywords   'DE NOVO PROTEIN' 
_struct_keywords.text            'computational protein design, d-amino acid, DE NOVO PROTEIN' 
# 
_struct_asym.id                            A 
_struct_asym.pdbx_blank_PDB_chainid_flag   N 
_struct_asym.pdbx_modified                 N 
_struct_asym.entity_id                     1 
_struct_asym.details                       ? 
# 
_struct_ref.id                         1 
_struct_ref.db_name                    PDB 
_struct_ref.db_code                    2LDJ 
_struct_ref.pdbx_db_accession          2LDJ 
_struct_ref.entity_id                  1 
_struct_ref.pdbx_align_begin           ? 
_struct_ref.pdbx_seq_one_letter_code   ? 
_struct_ref.pdbx_db_isoform            ? 
# 
_struct_ref_seq.align_id                      1 
_struct_ref_seq.ref_id                        1 
_struct_ref_seq.pdbx_PDB_id_code              2LDJ 
_struct_ref_seq.pdbx_strand_id                A 
_struct_ref_seq.seq_align_beg                 1 
_struct_ref_seq.pdbx_seq_align_beg_ins_code   ? 
_struct_ref_seq.seq_align_end                 20 
_struct_ref_seq.pdbx_seq_align_end_ins_code   ? 
_struct_ref_seq.pdbx_db_accession             2LDJ 
_struct_ref_seq.db_align_beg                  1 
_struct_ref_seq.pdbx_db_align_beg_ins_code    ? 
_struct_ref_seq.db_align_end                  20 
_struct_ref_seq.pdbx_db_align_end_ins_code    ? 
_struct_ref_seq.pdbx_auth_seq_align_beg       1 
_struct_ref_seq.pdbx_auth_seq_align_end       20 
# 
_pdbx_struct_assembly.id                   1 
_pdbx_struct_assembly.details              author_defined_assembly 
_pdbx_struct_assembly.method_details       ? 
_pdbx_struct_assembly.oligomeric_details   monomeric 
_pdbx_struct_assembly.oligomeric_count     1 
# 
_pdbx_struct_assembly_gen.assembly_id       1 
_pdbx_struct_assembly_gen.oper_expression   1 
_pdbx_struct_assembly_gen.asym_id_list      A 
# 
_pdbx_struct_oper_list.id                   1 
_pdbx_struct_oper_list.type                 'identity operation' 
_pdbx_struct_oper_list.name                 1_555 
_pdbx_struct_oper_list.symmetry_operation   x,y,z 
_pdbx_struct_oper_list.matrix[1][1]         1.0000000000 
_pdbx_struct_oper_list.matrix[1][2]         0.0000000000 
_pdbx_struct_oper_list.matrix[1][3]         0.0000000000 
_pdbx_struct_oper_list.vector[1]            0.0000000000 
_pdbx_struct_oper_list.matrix[2][1]         0.0000000000 
_pdbx_struct_oper_list.matrix[2][2]         1.0000000000 
_pdbx_struct_oper_list.matrix[2][3]         0.0000000000 
_pdbx_struct_oper_list.vector[2]            0.0000000000 
_pdbx_struct_oper_list.matrix[3][1]         0.0000000000 
_pdbx_struct_oper_list.matrix[3][2]         0.0000000000 
_pdbx_struct_oper_list.matrix[3][3]         1.0000000000 
_pdbx_struct_oper_list.vector[3]            0.0000000000 
# 
_struct_biol.id        1 
_struct_biol.details   ? 
# 
_struct_conf.conf_type_id            HELX_P 
_struct_conf.id                      HELX_P1 
_struct_conf.pdbx_PDB_helix_id       1 
_struct_conf.beg_label_comp_id       TYR 
_struct_conf.beg_label_asym_id       A 
_struct_conf.beg_label_seq_id        3 
_struct_conf.pdbx_beg_PDB_ins_code   ? 
_struct_conf.end_label_comp_id       LYS 
_struct_conf.end_label_asym_id       A 
_struct_conf.end_label_seq_id        8 
_struct_conf.pdbx_end_PDB_ins_code   ? 
_struct_conf.beg_auth_comp_id        TYR 
_struct_conf.beg_auth_asym_id        A 
_struct_conf.beg_auth_seq_id         3 
_struct_conf.end_auth_comp_id        LYS 
_struct_conf.end_auth_asym_id        A 
_struct_conf.end_auth_seq_id         8 
_struct_conf.pdbx_PDB_helix_class    1 
_struct_conf.details                 ? 
_struct_conf.pdbx_PDB_helix_length   6 
# 
_struct_conf_type.id          HELX_P 
_struct_conf_type.criteria    ? 
_struct_conf_type.reference   ? 
# 
loop_
_struct_conn.id 
_struct_conn.conn_type_id 
_struct_conn.pdbx_leaving_atom_flag 
_struct_conn.pdbx_PDB_id 
_struct_conn.ptnr1_label_asym_id 
_struct_conn.ptnr1_label_comp_id 
_struct_conn.ptnr1_label_seq_id 
_struct_conn.ptnr1_label_atom_id 
_struct_conn.pdbx_ptnr1_label_alt_id 
_struct_conn.pdbx_ptnr1_PDB_ins_code 
_struct_conn.pdbx_ptnr1_standard_comp_id 
_struct_conn.ptnr1_symmetry 
_struct_conn.ptnr2_label_asym_id 
_struct_conn.ptnr2_label_comp_id 
_struct_conn.ptnr2_label_seq_id 
_struct_conn.ptnr2_label_atom_id 
_struct_conn.pdbx_ptnr2_label_alt_id 
_struct_conn.pdbx_ptnr2_PDB_ins_code 
_struct_conn.ptnr1_auth_asym_id 
_struct_conn.ptnr1_auth_comp_id 
_struct_conn.ptnr1_auth_seq_id 
_struct_conn.ptnr2_auth_asym_id 
_struct_conn.ptnr2_auth_comp_id 
_struct_conn.ptnr2_auth_seq_id 
_struct_conn.ptnr2_symmetry 
_struct_conn.pdbx_ptnr3_label_atom_id 
_struct_conn.pdbx_ptnr3_label_seq_id 
_struct_conn.pdbx_ptnr3_label_comp_id 
_struct_conn.pdbx_ptnr3_label_asym_id 
_struct_conn.pdbx_ptnr3_label_alt_id 
_struct_conn.pdbx_ptnr3_PDB_ins_code 
_struct_conn.details 
_struct_conn.pdbx_dist_value 
_struct_conn.pdbx_value_order 
_struct_conn.pdbx_role 
covale1 covale both ? A ASP 9  C ? ? ? 1_555 A DGN 10 N ? ? A ASP 9  A DGN 10 1_555 ? ? ? ? ? ? ? 1.327 ? ? 
covale2 covale both ? A DGN 10 C ? ? ? 1_555 A GLY 11 N ? ? A DGN 10 A GLY 11 1_555 ? ? ? ? ? ? ? 1.328 ? ? 
# 
_struct_conn_type.id          covale 
_struct_conn_type.criteria    ? 
_struct_conn_type.reference   ? 
# 
_struct_site.id                   AC1 
_struct_site.pdbx_evidence_code   Software 
_struct_site.pdbx_auth_asym_id    A 
_struct_site.pdbx_auth_comp_id    DGN 
_struct_site.pdbx_auth_seq_id     10 
_struct_site.pdbx_auth_ins_code   ? 
_struct_site.pdbx_num_residues    7 
_struct_site.details              'BINDING SITE FOR RESIDUE DGN A 10' 
# 
loop_
_struct_site_gen.id 
_struct_site_gen.site_id 
_struct_site_gen.pdbx_num_res 
_struct_site_gen.label_comp_id 
_struct_site_gen.label_asym_id 
_struct_site_gen.label_seq_id 
_struct_site_gen.pdbx_auth_ins_code 
_struct_site_gen.auth_comp_id 
_struct_site_gen.auth_asym_id 
_struct_site_gen.auth_seq_id 
_struct_site_gen.label_atom_id 
_struct_site_gen.label_alt_id 
_struct_site_gen.symmetry 
_struct_site_gen.details 
1 AC1 7 LEU A 7  ? LEU A 7  . ? 1_555 ? 
2 AC1 7 LYS A 8  ? LYS A 8  . ? 1_555 ? 
3 AC1 7 ASP A 9  ? ASP A 9  . ? 1_555 ? 
4 AC1 7 GLY A 11 ? GLY A 11 . ? 1_555 ? 
5 AC1 7 PRO A 12 ? PRO A 12 . ? 1_555 ? 
6 AC1 7 SER A 13 ? SER A 13 . ? 1_555 ? 
7 AC1 7 SER A 14 ? SER A 14 . ? 1_555 ? 
# 
_pdbx_entry_details.entry_id                   2LDJ 
_pdbx_entry_details.compound_details           ? 
_pdbx_entry_details.source_details             ? 
_pdbx_entry_details.nonpolymer_details         ? 
_pdbx_entry_details.sequence_details           ? 
_pdbx_entry_details.has_ligand_of_interest     ? 
_pdbx_entry_details.has_protein_modification   N 
# 
loop_
_pdbx_validate_torsion.id 
_pdbx_validate_torsion.PDB_model_num 
_pdbx_validate_torsion.auth_comp_id 
_pdbx_validate_torsion.auth_asym_id 
_pdbx_validate_torsion.auth_seq_id 
_pdbx_validate_torsion.PDB_ins_code 
_pdbx_validate_torsion.label_alt_id 
_pdbx_validate_torsion.phi 
_pdbx_validate_torsion.psi 
1 1 SER A 13 ? ? -62.60 -70.75 
2 1 PRO A 18 ? ? -35.34 96.28  
# 
_pdbx_nmr_ensemble.average_constraint_violations_per_residue     ? 
_pdbx_nmr_ensemble.average_constraints_per_residue               ? 
_pdbx_nmr_ensemble.average_distance_constraint_violation         ? 
_pdbx_nmr_ensemble.average_torsion_angle_constraint_violation    ? 
_pdbx_nmr_ensemble.conformer_selection_criteria                  'structures with the lowest energy' 
_pdbx_nmr_ensemble.conformers_calculated_total_number            50 
_pdbx_nmr_ensemble.conformers_submitted_total_number             1 
_pdbx_nmr_ensemble.distance_constraint_violation_method          ? 
_pdbx_nmr_ensemble.entry_id                                      2LDJ 
_pdbx_nmr_ensemble.maximum_distance_constraint_violation         ? 
_pdbx_nmr_ensemble.maximum_lower_distance_constraint_violation   ? 
_pdbx_nmr_ensemble.maximum_torsion_angle_constraint_violation    ? 
_pdbx_nmr_ensemble.maximum_upper_distance_constraint_violation   ? 
_pdbx_nmr_ensemble.torsion_angle_constraint_violation_method     ? 
# 
_pdbx_nmr_representative.conformer_id         1 
_pdbx_nmr_representative.entry_id             2LDJ 
_pdbx_nmr_representative.selection_criteria   'fewest violations' 
# 
loop_
_pdbx_nmr_sample_details.contents 
_pdbx_nmr_sample_details.solution_id 
_pdbx_nmr_sample_details.solvent_system 
'2.5 mM Trp-Cage mini-protein, 10 mM sodium phosphate, 100% D2O'        1 '100% D2O'        
'1.5 mM Trp-Cage mini-protein, 10 mM sodium phosphate, 90% H2O/10% D2O' 2 '90% H2O/10% D2O' 
# 
loop_
_pdbx_nmr_exptl_sample.component 
_pdbx_nmr_exptl_sample.concentration 
_pdbx_nmr_exptl_sample.concentration_range 
_pdbx_nmr_exptl_sample.concentration_units 
_pdbx_nmr_exptl_sample.isotopic_labeling 
_pdbx_nmr_exptl_sample.solution_id 
'Trp-Cage mini-protein-1' 2.5 ? mM ? 1 
'sodium phosphate-2'      10  ? mM ? 1 
'Trp-Cage mini-protein-3' 1.5 ? mM ? 2 
'sodium phosphate-4'      10  ? mM ? 2 
# 
_pdbx_nmr_exptl_sample_conditions.conditions_id       1 
_pdbx_nmr_exptl_sample_conditions.ionic_strength      0.05 
_pdbx_nmr_exptl_sample_conditions.pH                  7 
_pdbx_nmr_exptl_sample_conditions.pressure            ambient 
_pdbx_nmr_exptl_sample_conditions.pressure_units      ? 
_pdbx_nmr_exptl_sample_conditions.temperature         278 
_pdbx_nmr_exptl_sample_conditions.temperature_units   K 
# 
loop_
_pdbx_nmr_exptl.conditions_id 
_pdbx_nmr_exptl.experiment_id 
_pdbx_nmr_exptl.solution_id 
_pdbx_nmr_exptl.type 
1 1 2 '2D 1H-1H NOESY' 
1 2 2 '2D 1H-1H TOCSY' 
1 3 1 '2D 1H-13C HSQC' 
1 4 2 '2D 1H-15N HSQC' 
1 5 2 '2D 1H-13C HSQC' 
# 
_pdbx_nmr_constraints.disulfide_bond_constraints_total_count        ? 
_pdbx_nmr_constraints.entry_id                                      2LDJ 
_pdbx_nmr_constraints.hydrogen_bond_constraints_total_count         ? 
_pdbx_nmr_constraints.NA_alpha-angle_constraints_total_count        ? 
_pdbx_nmr_constraints.NA_beta-angle_constraints_total_count         ? 
_pdbx_nmr_constraints.NA_chi-angle_constraints_total_count          ? 
_pdbx_nmr_constraints.NA_delta-angle_constraints_total_count        ? 
_pdbx_nmr_constraints.NA_epsilon-angle_constraints_total_count      ? 
_pdbx_nmr_constraints.NA_gamma-angle_constraints_total_count        ? 
_pdbx_nmr_constraints.NA_other-angle_constraints_total_count        ? 
_pdbx_nmr_constraints.NA_sugar_pucker_constraints_total_count       ? 
_pdbx_nmr_constraints.NOE_constraints_total                         425 
_pdbx_nmr_constraints.NOE_interentity_total_count                   ? 
_pdbx_nmr_constraints.NOE_interproton_distance_evaluation           ? 
_pdbx_nmr_constraints.NOE_intraresidue_total_count                  ? 
_pdbx_nmr_constraints.NOE_long_range_total_count                    ? 
_pdbx_nmr_constraints.NOE_medium_range_total_count                  ? 
_pdbx_nmr_constraints.NOE_motional_averaging_correction             ? 
_pdbx_nmr_constraints.NOE_pseudoatom_corrections                    ? 
_pdbx_nmr_constraints.NOE_sequential_total_count                    ? 
_pdbx_nmr_constraints.protein_chi_angle_constraints_total_count     ? 
_pdbx_nmr_constraints.protein_other_angle_constraints_total_count   ? 
_pdbx_nmr_constraints.protein_phi_angle_constraints_total_count     ? 
_pdbx_nmr_constraints.protein_psi_angle_constraints_total_count     ? 
# 
_pdbx_nmr_refine.entry_id           2LDJ 
_pdbx_nmr_refine.method             'simulated annealing' 
_pdbx_nmr_refine.details            'The structure was determined using NOE' 
_pdbx_nmr_refine.software_ordinal   1 
# 
loop_
_pdbx_nmr_software.authors 
_pdbx_nmr_software.classification 
_pdbx_nmr_software.name 
_pdbx_nmr_software.version 
_pdbx_nmr_software.ordinal 
;Linge, O'Donoghue and Nilges
;
'structure solution' ARIA 2.2 1 
'Brunger, Adams, Clore, Gros, Nilges and Read' 'structure solution' CNS  ?   2 
'Brunger, Adams, Clore, Gros, Nilges and Read' refinement           CNS  ?   3 
# 
loop_
_chem_comp_atom.comp_id 
_chem_comp_atom.atom_id 
_chem_comp_atom.type_symbol 
_chem_comp_atom.pdbx_aromatic_flag 
_chem_comp_atom.pdbx_stereo_config 
_chem_comp_atom.pdbx_ordinal 
ARG N    N N N 1   
ARG CA   C N S 2   
ARG C    C N N 3   
ARG O    O N N 4   
ARG CB   C N N 5   
ARG CG   C N N 6   
ARG CD   C N N 7   
ARG NE   N N N 8   
ARG CZ   C N N 9   
ARG NH1  N N N 10  
ARG NH2  N N N 11  
ARG OXT  O N N 12  
ARG H    H N N 13  
ARG H2   H N N 14  
ARG HA   H N N 15  
ARG HB2  H N N 16  
ARG HB3  H N N 17  
ARG HG2  H N N 18  
ARG HG3  H N N 19  
ARG HD2  H N N 20  
ARG HD3  H N N 21  
ARG HE   H N N 22  
ARG HH11 H N N 23  
ARG HH12 H N N 24  
ARG HH21 H N N 25  
ARG HH22 H N N 26  
ARG HXT  H N N 27  
ASN N    N N N 28  
ASN CA   C N S 29  
ASN C    C N N 30  
ASN O    O N N 31  
ASN CB   C N N 32  
ASN CG   C N N 33  
ASN OD1  O N N 34  
ASN ND2  N N N 35  
ASN OXT  O N N 36  
ASN H    H N N 37  
ASN H2   H N N 38  
ASN HA   H N N 39  
ASN HB2  H N N 40  
ASN HB3  H N N 41  
ASN HD21 H N N 42  
ASN HD22 H N N 43  
ASN HXT  H N N 44  
ASP N    N N N 45  
ASP CA   C N S 46  
ASP C    C N N 47  
ASP O    O N N 48  
ASP CB   C N N 49  
ASP CG   C N N 50  
ASP OD1  O N N 51  
ASP OD2  O N N 52  
ASP OXT  O N N 53  
ASP H    H N N 54  
ASP H2   H N N 55  
ASP HA   H N N 56  
ASP HB2  H N N 57  
ASP HB3  H N N 58  
ASP HD2  H N N 59  
ASP HXT  H N N 60  
DGN N    N N N 61  
DGN CA   C N R 62  
DGN C    C N N 63  
DGN O    O N N 64  
DGN OXT  O N N 65  
DGN CB   C N N 66  
DGN CG   C N N 67  
DGN CD   C N N 68  
DGN OE1  O N N 69  
DGN NE2  N N N 70  
DGN H    H N N 71  
DGN H2   H N N 72  
DGN HA   H N N 73  
DGN HXT  H N N 74  
DGN HB2  H N N 75  
DGN HB3  H N N 76  
DGN HG2  H N N 77  
DGN HG3  H N N 78  
DGN HE21 H N N 79  
DGN HE22 H N N 80  
GLN N    N N N 81  
GLN CA   C N S 82  
GLN C    C N N 83  
GLN O    O N N 84  
GLN CB   C N N 85  
GLN CG   C N N 86  
GLN CD   C N N 87  
GLN OE1  O N N 88  
GLN NE2  N N N 89  
GLN OXT  O N N 90  
GLN H    H N N 91  
GLN H2   H N N 92  
GLN HA   H N N 93  
GLN HB2  H N N 94  
GLN HB3  H N N 95  
GLN HG2  H N N 96  
GLN HG3  H N N 97  
GLN HE21 H N N 98  
GLN HE22 H N N 99  
GLN HXT  H N N 100 
GLY N    N N N 101 
GLY CA   C N N 102 
GLY C    C N N 103 
GLY O    O N N 104 
GLY OXT  O N N 105 
GLY H    H N N 106 
GLY H2   H N N 107 
GLY HA2  H N N 108 
GLY HA3  H N N 109 
GLY HXT  H N N 110 
ILE N    N N N 111 
ILE CA   C N S 112 
ILE C    C N N 113 
ILE O    O N N 114 
ILE CB   C N S 115 
ILE CG1  C N N 116 
ILE CG2  C N N 117 
ILE CD1  C N N 118 
ILE OXT  O N N 119 
ILE H    H N N 120 
ILE H2   H N N 121 
ILE HA   H N N 122 
ILE HB   H N N 123 
ILE HG12 H N N 124 
ILE HG13 H N N 125 
ILE HG21 H N N 126 
ILE HG22 H N N 127 
ILE HG23 H N N 128 
ILE HD11 H N N 129 
ILE HD12 H N N 130 
ILE HD13 H N N 131 
ILE HXT  H N N 132 
LEU N    N N N 133 
LEU CA   C N S 134 
LEU C    C N N 135 
LEU O    O N N 136 
LEU CB   C N N 137 
LEU CG   C N N 138 
LEU CD1  C N N 139 
LEU CD2  C N N 140 
LEU OXT  O N N 141 
LEU H    H N N 142 
LEU H2   H N N 143 
LEU HA   H N N 144 
LEU HB2  H N N 145 
LEU HB3  H N N 146 
LEU HG   H N N 147 
LEU HD11 H N N 148 
LEU HD12 H N N 149 
LEU HD13 H N N 150 
LEU HD21 H N N 151 
LEU HD22 H N N 152 
LEU HD23 H N N 153 
LEU HXT  H N N 154 
LYS N    N N N 155 
LYS CA   C N S 156 
LYS C    C N N 157 
LYS O    O N N 158 
LYS CB   C N N 159 
LYS CG   C N N 160 
LYS CD   C N N 161 
LYS CE   C N N 162 
LYS NZ   N N N 163 
LYS OXT  O N N 164 
LYS H    H N N 165 
LYS H2   H N N 166 
LYS HA   H N N 167 
LYS HB2  H N N 168 
LYS HB3  H N N 169 
LYS HG2  H N N 170 
LYS HG3  H N N 171 
LYS HD2  H N N 172 
LYS HD3  H N N 173 
LYS HE2  H N N 174 
LYS HE3  H N N 175 
LYS HZ1  H N N 176 
LYS HZ2  H N N 177 
LYS HZ3  H N N 178 
LYS HXT  H N N 179 
PRO N    N N N 180 
PRO CA   C N S 181 
PRO C    C N N 182 
PRO O    O N N 183 
PRO CB   C N N 184 
PRO CG   C N N 185 
PRO CD   C N N 186 
PRO OXT  O N N 187 
PRO H    H N N 188 
PRO HA   H N N 189 
PRO HB2  H N N 190 
PRO HB3  H N N 191 
PRO HG2  H N N 192 
PRO HG3  H N N 193 
PRO HD2  H N N 194 
PRO HD3  H N N 195 
PRO HXT  H N N 196 
SER N    N N N 197 
SER CA   C N S 198 
SER C    C N N 199 
SER O    O N N 200 
SER CB   C N N 201 
SER OG   O N N 202 
SER OXT  O N N 203 
SER H    H N N 204 
SER H2   H N N 205 
SER HA   H N N 206 
SER HB2  H N N 207 
SER HB3  H N N 208 
SER HG   H N N 209 
SER HXT  H N N 210 
TRP N    N N N 211 
TRP CA   C N S 212 
TRP C    C N N 213 
TRP O    O N N 214 
TRP CB   C N N 215 
TRP CG   C Y N 216 
TRP CD1  C Y N 217 
TRP CD2  C Y N 218 
TRP NE1  N Y N 219 
TRP CE2  C Y N 220 
TRP CE3  C Y N 221 
TRP CZ2  C Y N 222 
TRP CZ3  C Y N 223 
TRP CH2  C Y N 224 
TRP OXT  O N N 225 
TRP H    H N N 226 
TRP H2   H N N 227 
TRP HA   H N N 228 
TRP HB2  H N N 229 
TRP HB3  H N N 230 
TRP HD1  H N N 231 
TRP HE1  H N N 232 
TRP HE3  H N N 233 
TRP HZ2  H N N 234 
TRP HZ3  H N N 235 
TRP HH2  H N N 236 
TRP HXT  H N N 237 
TYR N    N N N 238 
TYR CA   C N S 239 
TYR C    C N N 240 
TYR O    O N N 241 
TYR CB   C N N 242 
TYR CG   C Y N 243 
TYR CD1  C Y N 244 
TYR CD2  C Y N 245 
TYR CE1  C Y N 246 
TYR CE2  C Y N 247 
TYR CZ   C Y N 248 
TYR OH   O N N 249 
TYR OXT  O N N 250 
TYR H    H N N 251 
TYR H2   H N N 252 
TYR HA   H N N 253 
TYR HB2  H N N 254 
TYR HB3  H N N 255 
TYR HD1  H N N 256 
TYR HD2  H N N 257 
TYR HE1  H N N 258 
TYR HE2  H N N 259 
TYR HH   H N N 260 
TYR HXT  H N N 261 
# 
loop_
_chem_comp_bond.comp_id 
_chem_comp_bond.atom_id_1 
_chem_comp_bond.atom_id_2 
_chem_comp_bond.value_order 
_chem_comp_bond.pdbx_aromatic_flag 
_chem_comp_bond.pdbx_stereo_config 
_chem_comp_bond.pdbx_ordinal 
ARG N   CA   sing N N 1   
ARG N   H    sing N N 2   
ARG N   H2   sing N N 3   
ARG CA  C    sing N N 4   
ARG CA  CB   sing N N 5   
ARG CA  HA   sing N N 6   
ARG C   O    doub N N 7   
ARG C   OXT  sing N N 8   
ARG CB  CG   sing N N 9   
ARG CB  HB2  sing N N 10  
ARG CB  HB3  sing N N 11  
ARG CG  CD   sing N N 12  
ARG CG  HG2  sing N N 13  
ARG CG  HG3  sing N N 14  
ARG CD  NE   sing N N 15  
ARG CD  HD2  sing N N 16  
ARG CD  HD3  sing N N 17  
ARG NE  CZ   sing N N 18  
ARG NE  HE   sing N N 19  
ARG CZ  NH1  sing N N 20  
ARG CZ  NH2  doub N N 21  
ARG NH1 HH11 sing N N 22  
ARG NH1 HH12 sing N N 23  
ARG NH2 HH21 sing N N 24  
ARG NH2 HH22 sing N N 25  
ARG OXT HXT  sing N N 26  
ASN N   CA   sing N N 27  
ASN N   H    sing N N 28  
ASN N   H2   sing N N 29  
ASN CA  C    sing N N 30  
ASN CA  CB   sing N N 31  
ASN CA  HA   sing N N 32  
ASN C   O    doub N N 33  
ASN C   OXT  sing N N 34  
ASN CB  CG   sing N N 35  
ASN CB  HB2  sing N N 36  
ASN CB  HB3  sing N N 37  
ASN CG  OD1  doub N N 38  
ASN CG  ND2  sing N N 39  
ASN ND2 HD21 sing N N 40  
ASN ND2 HD22 sing N N 41  
ASN OXT HXT  sing N N 42  
ASP N   CA   sing N N 43  
ASP N   H    sing N N 44  
ASP N   H2   sing N N 45  
ASP CA  C    sing N N 46  
ASP CA  CB   sing N N 47  
ASP CA  HA   sing N N 48  
ASP C   O    doub N N 49  
ASP C   OXT  sing N N 50  
ASP CB  CG   sing N N 51  
ASP CB  HB2  sing N N 52  
ASP CB  HB3  sing N N 53  
ASP CG  OD1  doub N N 54  
ASP CG  OD2  sing N N 55  
ASP OD2 HD2  sing N N 56  
ASP OXT HXT  sing N N 57  
DGN N   CA   sing N N 58  
DGN N   H    sing N N 59  
DGN N   H2   sing N N 60  
DGN CA  C    sing N N 61  
DGN CA  CB   sing N N 62  
DGN CA  HA   sing N N 63  
DGN C   O    doub N N 64  
DGN C   OXT  sing N N 65  
DGN OXT HXT  sing N N 66  
DGN CB  CG   sing N N 67  
DGN CB  HB2  sing N N 68  
DGN CB  HB3  sing N N 69  
DGN CG  CD   sing N N 70  
DGN CG  HG2  sing N N 71  
DGN CG  HG3  sing N N 72  
DGN CD  OE1  doub N N 73  
DGN CD  NE2  sing N N 74  
DGN NE2 HE21 sing N N 75  
DGN NE2 HE22 sing N N 76  
GLN N   CA   sing N N 77  
GLN N   H    sing N N 78  
GLN N   H2   sing N N 79  
GLN CA  C    sing N N 80  
GLN CA  CB   sing N N 81  
GLN CA  HA   sing N N 82  
GLN C   O    doub N N 83  
GLN C   OXT  sing N N 84  
GLN CB  CG   sing N N 85  
GLN CB  HB2  sing N N 86  
GLN CB  HB3  sing N N 87  
GLN CG  CD   sing N N 88  
GLN CG  HG2  sing N N 89  
GLN CG  HG3  sing N N 90  
GLN CD  OE1  doub N N 91  
GLN CD  NE2  sing N N 92  
GLN NE2 HE21 sing N N 93  
GLN NE2 HE22 sing N N 94  
GLN OXT HXT  sing N N 95  
GLY N   CA   sing N N 96  
GLY N   H    sing N N 97  
GLY N   H2   sing N N 98  
GLY CA  C    sing N N 99  
GLY CA  HA2  sing N N 100 
GLY CA  HA3  sing N N 101 
GLY C   O    doub N N 102 
GLY C   OXT  sing N N 103 
GLY OXT HXT  sing N N 104 
ILE N   CA   sing N N 105 
ILE N   H    sing N N 106 
ILE N   H2   sing N N 107 
ILE CA  C    sing N N 108 
ILE CA  CB   sing N N 109 
ILE CA  HA   sing N N 110 
ILE C   O    doub N N 111 
ILE C   OXT  sing N N 112 
ILE CB  CG1  sing N N 113 
ILE CB  CG2  sing N N 114 
ILE CB  HB   sing N N 115 
ILE CG1 CD1  sing N N 116 
ILE CG1 HG12 sing N N 117 
ILE CG1 HG13 sing N N 118 
ILE CG2 HG21 sing N N 119 
ILE CG2 HG22 sing N N 120 
ILE CG2 HG23 sing N N 121 
ILE CD1 HD11 sing N N 122 
ILE CD1 HD12 sing N N 123 
ILE CD1 HD13 sing N N 124 
ILE OXT HXT  sing N N 125 
LEU N   CA   sing N N 126 
LEU N   H    sing N N 127 
LEU N   H2   sing N N 128 
LEU CA  C    sing N N 129 
LEU CA  CB   sing N N 130 
LEU CA  HA   sing N N 131 
LEU C   O    doub N N 132 
LEU C   OXT  sing N N 133 
LEU CB  CG   sing N N 134 
LEU CB  HB2  sing N N 135 
LEU CB  HB3  sing N N 136 
LEU CG  CD1  sing N N 137 
LEU CG  CD2  sing N N 138 
LEU CG  HG   sing N N 139 
LEU CD1 HD11 sing N N 140 
LEU CD1 HD12 sing N N 141 
LEU CD1 HD13 sing N N 142 
LEU CD2 HD21 sing N N 143 
LEU CD2 HD22 sing N N 144 
LEU CD2 HD23 sing N N 145 
LEU OXT HXT  sing N N 146 
LYS N   CA   sing N N 147 
LYS N   H    sing N N 148 
LYS N   H2   sing N N 149 
LYS CA  C    sing N N 150 
LYS CA  CB   sing N N 151 
LYS CA  HA   sing N N 152 
LYS C   O    doub N N 153 
LYS C   OXT  sing N N 154 
LYS CB  CG   sing N N 155 
LYS CB  HB2  sing N N 156 
LYS CB  HB3  sing N N 157 
LYS CG  CD   sing N N 158 
LYS CG  HG2  sing N N 159 
LYS CG  HG3  sing N N 160 
LYS CD  CE   sing N N 161 
LYS CD  HD2  sing N N 162 
LYS CD  HD3  sing N N 163 
LYS CE  NZ   sing N N 164 
LYS CE  HE2  sing N N 165 
LYS CE  HE3  sing N N 166 
LYS NZ  HZ1  sing N N 167 
LYS NZ  HZ2  sing N N 168 
LYS NZ  HZ3  sing N N 169 
LYS OXT HXT  sing N N 170 
PRO N   CA   sing N N 171 
PRO N   CD   sing N N 172 
PRO N   H    sing N N 173 
PRO CA  C    sing N N 174 
PRO CA  CB   sing N N 175 
PRO CA  HA   sing N N 176 
PRO C   O    doub N N 177 
PRO C   OXT  sing N N 178 
PRO CB  CG   sing N N 179 
PRO CB  HB2  sing N N 180 
PRO CB  HB3  sing N N 181 
PRO CG  CD   sing N N 182 
PRO CG  HG2  sing N N 183 
PRO CG  HG3  sing N N 184 
PRO CD  HD2  sing N N 185 
PRO CD  HD3  sing N N 186 
PRO OXT HXT  sing N N 187 
SER N   CA   sing N N 188 
SER N   H    sing N N 189 
SER N   H2   sing N N 190 
SER CA  C    sing N N 191 
SER CA  CB   sing N N 192 
SER CA  HA   sing N N 193 
SER C   O    doub N N 194 
SER C   OXT  sing N N 195 
SER CB  OG   sing N N 196 
SER CB  HB2  sing N N 197 
SER CB  HB3  sing N N 198 
SER OG  HG   sing N N 199 
SER OXT HXT  sing N N 200 
TRP N   CA   sing N N 201 
TRP N   H    sing N N 202 
TRP N   H2   sing N N 203 
TRP CA  C    sing N N 204 
TRP CA  CB   sing N N 205 
TRP CA  HA   sing N N 206 
TRP C   O    doub N N 207 
TRP C   OXT  sing N N 208 
TRP CB  CG   sing N N 209 
TRP CB  HB2  sing N N 210 
TRP CB  HB3  sing N N 211 
TRP CG  CD1  doub Y N 212 
TRP CG  CD2  sing Y N 213 
TRP CD1 NE1  sing Y N 214 
TRP CD1 HD1  sing N N 215 
TRP CD2 CE2  doub Y N 216 
TRP CD2 CE3  sing Y N 217 
TRP NE1 CE2  sing Y N 218 
TRP NE1 HE1  sing N N 219 
TRP CE2 CZ2  sing Y N 220 
TRP CE3 CZ3  doub Y N 221 
TRP CE3 HE3  sing N N 222 
TRP CZ2 CH2  doub Y N 223 
TRP CZ2 HZ2  sing N N 224 
TRP CZ3 CH2  sing Y N 225 
TRP CZ3 HZ3  sing N N 226 
TRP CH2 HH2  sing N N 227 
TRP OXT HXT  sing N N 228 
TYR N   CA   sing N N 229 
TYR N   H    sing N N 230 
TYR N   H2   sing N N 231 
TYR CA  C    sing N N 232 
TYR CA  CB   sing N N 233 
TYR CA  HA   sing N N 234 
TYR C   O    doub N N 235 
TYR C   OXT  sing N N 236 
TYR CB  CG   sing N N 237 
TYR CB  HB2  sing N N 238 
TYR CB  HB3  sing N N 239 
TYR CG  CD1  doub Y N 240 
TYR CG  CD2  sing Y N 241 
TYR CD1 CE1  sing Y N 242 
TYR CD1 HD1  sing N N 243 
TYR CD2 CE2  doub Y N 244 
TYR CD2 HD2  sing N N 245 
TYR CE1 CZ   doub Y N 246 
TYR CE1 HE1  sing N N 247 
TYR CE2 CZ   sing Y N 248 
TYR CE2 HE2  sing N N 249 
TYR CZ  OH   sing N N 250 
TYR OH  HH   sing N N 251 
TYR OXT HXT  sing N N 252 
# 
_pdbx_nmr_spectrometer.field_strength    600 
_pdbx_nmr_spectrometer.manufacturer      Varian 
_pdbx_nmr_spectrometer.model             INOVA 
_pdbx_nmr_spectrometer.spectrometer_id   1 
_pdbx_nmr_spectrometer.type              'Varian INOVA' 
# 
_atom_sites.entry_id                    2LDJ 
_atom_sites.fract_transf_matrix[1][1]   1.000000 
_atom_sites.fract_transf_matrix[1][2]   0.000000 
_atom_sites.fract_transf_matrix[1][3]   0.000000 
_atom_sites.fract_transf_matrix[2][1]   0.000000 
_atom_sites.fract_transf_matrix[2][2]   1.000000 
_atom_sites.fract_transf_matrix[2][3]   0.000000 
_atom_sites.fract_transf_matrix[3][1]   0.000000 
_atom_sites.fract_transf_matrix[3][2]   0.000000 
_atom_sites.fract_transf_matrix[3][3]   1.000000 
_atom_sites.fract_transf_vector[1]      0.00000 
_atom_sites.fract_transf_vector[2]      0.00000 
_atom_sites.fract_transf_vector[3]      0.00000 
# 
loop_
_atom_type.symbol 
C 
H 
N 
O 
# 
loop_
_atom_site.group_PDB 
_atom_site.id 
_atom_site.type_symbol 
_atom_site.label_atom_id 
_atom_site.label_alt_id 
_atom_site.label_comp_id 
_atom_site.label_asym_id 
_atom_site.label_entity_id 
_atom_site.label_seq_id 
_atom_site.pdbx_PDB_ins_code 
_atom_site.Cartn_x 
_atom_site.Cartn_y 
_atom_site.Cartn_z 
_atom_site.occupancy 
_atom_site.B_iso_or_equiv 
_atom_site.pdbx_formal_charge 
_atom_site.auth_seq_id 
_atom_site.auth_comp_id 
_atom_site.auth_asym_id 
_atom_site.auth_atom_id 
_atom_site.pdbx_PDB_model_num 
ATOM   1   N N    . ASN A 1 1  ? -10.337 2.688  5.426  1.00 4.46 ? 1  ASN A N    1 
ATOM   2   C CA   . ASN A 1 1  ? -8.868  2.883  5.343  1.00 3.64 ? 1  ASN A CA   1 
ATOM   3   C C    . ASN A 1 1  ? -8.167  1.605  4.902  1.00 3.06 ? 1  ASN A C    1 
ATOM   4   O O    . ASN A 1 1  ? -7.590  0.888  5.717  1.00 3.53 ? 1  ASN A O    1 
ATOM   5   C CB   . ASN A 1 1  ? -8.319  3.330  6.696  1.00 3.68 ? 1  ASN A CB   1 
ATOM   6   C CG   . ASN A 1 1  ? -8.094  4.825  6.760  1.00 4.20 ? 1  ASN A CG   1 
ATOM   7   O OD1  . ASN A 1 1  ? -7.815  5.466  5.747  1.00 4.55 ? 1  ASN A OD1  1 
ATOM   8   N ND2  . ASN A 1 1  ? -8.211  5.390  7.954  1.00 4.68 ? 1  ASN A ND2  1 
ATOM   9   H H1   . ASN A 1 1  ? -10.559 1.942  6.116  1.00 4.96 ? 1  ASN A H1   1 
ATOM   10  H H2   . ASN A 1 1  ? -10.714 2.409  4.498  1.00 4.71 ? 1  ASN A H2   1 
ATOM   11  H H3   . ASN A 1 1  ? -10.799 3.570  5.724  1.00 4.66 ? 1  ASN A H3   1 
ATOM   12  H HA   . ASN A 1 1  ? -8.671  3.655  4.612  1.00 3.82 ? 1  ASN A HA   1 
ATOM   13  H HB2  . ASN A 1 1  ? -9.020  3.057  7.470  1.00 3.83 ? 1  ASN A HB2  1 
ATOM   14  H HB3  . ASN A 1 1  ? -7.378  2.833  6.878  1.00 3.60 ? 1  ASN A HB3  1 
ATOM   15  H HD21 . ASN A 1 1  ? -8.433  4.816  8.718  1.00 4.73 ? 1  ASN A HD21 1 
ATOM   16  H HD22 . ASN A 1 1  ? -8.071  6.357  8.025  1.00 5.17 ? 1  ASN A HD22 1 
ATOM   17  N N    . LEU A 1 2  ? -8.220  1.327  3.609  1.00 2.52 ? 2  LEU A N    1 
ATOM   18  C CA   . LEU A 1 2  ? -7.585  0.138  3.062  1.00 2.26 ? 2  LEU A CA   1 
ATOM   19  C C    . LEU A 1 2  ? -6.193  0.467  2.542  1.00 1.60 ? 2  LEU A C    1 
ATOM   20  O O    . LEU A 1 2  ? -5.508  -0.388 1.982  1.00 2.08 ? 2  LEU A O    1 
ATOM   21  C CB   . LEU A 1 2  ? -8.443  -0.454 1.942  1.00 2.55 ? 2  LEU A CB   1 
ATOM   22  C CG   . LEU A 1 2  ? -9.103  0.566  1.009  1.00 2.98 ? 2  LEU A CG   1 
ATOM   23  C CD1  . LEU A 1 2  ? -8.064  1.271  0.152  1.00 3.47 ? 2  LEU A CD1  1 
ATOM   24  C CD2  . LEU A 1 2  ? -10.141 -0.114 0.134  1.00 3.63 ? 2  LEU A CD2  1 
ATOM   25  H H    . LEU A 1 2  ? -8.697  1.936  3.007  1.00 2.75 ? 2  LEU A H    1 
ATOM   26  H HA   . LEU A 1 2  ? -7.497  -0.586 3.858  1.00 2.75 ? 2  LEU A HA   1 
ATOM   27  H HB2  . LEU A 1 2  ? -7.819  -1.104 1.345  1.00 2.93 ? 2  LEU A HB2  1 
ATOM   28  H HB3  . LEU A 1 2  ? -9.222  -1.051 2.393  1.00 2.69 ? 2  LEU A HB3  1 
ATOM   29  H HG   . LEU A 1 2  ? -9.606  1.314  1.605  1.00 3.24 ? 2  LEU A HG   1 
ATOM   30  H HD11 . LEU A 1 2  ? -8.558  1.966  -0.511 1.00 3.96 ? 2  LEU A HD11 1 
ATOM   31  H HD12 . LEU A 1 2  ? -7.521  0.541  -0.430 1.00 3.67 ? 2  LEU A HD12 1 
ATOM   32  H HD13 . LEU A 1 2  ? -7.377  1.810  0.788  1.00 3.69 ? 2  LEU A HD13 1 
ATOM   33  H HD21 . LEU A 1 2  ? -10.891 -0.578 0.758  1.00 4.01 ? 2  LEU A HD21 1 
ATOM   34  H HD22 . LEU A 1 2  ? -9.662  -0.867 -0.475 1.00 4.01 ? 2  LEU A HD22 1 
ATOM   35  H HD23 . LEU A 1 2  ? -10.610 0.620  -0.506 1.00 3.93 ? 2  LEU A HD23 1 
ATOM   36  N N    . TYR A 1 3  ? -5.783  1.713  2.738  1.00 1.01 ? 3  TYR A N    1 
ATOM   37  C CA   . TYR A 1 3  ? -4.479  2.173  2.285  1.00 0.83 ? 3  TYR A CA   1 
ATOM   38  C C    . TYR A 1 3  ? -3.489  2.262  3.438  1.00 0.79 ? 3  TYR A C    1 
ATOM   39  O O    . TYR A 1 3  ? -2.277  2.287  3.225  1.00 1.20 ? 3  TYR A O    1 
ATOM   40  C CB   . TYR A 1 3  ? -4.618  3.539  1.617  1.00 1.48 ? 3  TYR A CB   1 
ATOM   41  C CG   . TYR A 1 3  ? -4.286  3.536  0.143  1.00 1.29 ? 3  TYR A CG   1 
ATOM   42  C CD1  . TYR A 1 3  ? -4.806  2.569  -0.710 1.00 1.37 ? 3  TYR A CD1  1 
ATOM   43  C CD2  . TYR A 1 3  ? -3.456  4.509  -0.396 1.00 1.75 ? 3  TYR A CD2  1 
ATOM   44  C CE1  . TYR A 1 3  ? -4.505  2.573  -2.057 1.00 1.79 ? 3  TYR A CE1  1 
ATOM   45  C CE2  . TYR A 1 3  ? -3.150  4.518  -1.742 1.00 2.24 ? 3  TYR A CE2  1 
ATOM   46  C CZ   . TYR A 1 3  ? -3.677  3.549  -2.568 1.00 2.21 ? 3  TYR A CZ   1 
ATOM   47  O OH   . TYR A 1 3  ? -3.375  3.558  -3.908 1.00 2.92 ? 3  TYR A OH   1 
ATOM   48  H H    . TYR A 1 3  ? -6.375  2.342  3.202  1.00 1.37 ? 3  TYR A H    1 
ATOM   49  H HA   . TYR A 1 3  ? -4.109  1.464  1.561  1.00 1.19 ? 3  TYR A HA   1 
ATOM   50  H HB2  . TYR A 1 3  ? -5.635  3.882  1.724  1.00 2.07 ? 3  TYR A HB2  1 
ATOM   51  H HB3  . TYR A 1 3  ? -3.955  4.239  2.105  1.00 2.21 ? 3  TYR A HB3  1 
ATOM   52  H HD1  . TYR A 1 3  ? -5.454  1.806  -0.306 1.00 1.55 ? 3  TYR A HD1  1 
ATOM   53  H HD2  . TYR A 1 3  ? -3.045  5.266  0.255  1.00 2.02 ? 3  TYR A HD2  1 
ATOM   54  H HE1  . TYR A 1 3  ? -4.919  1.814  -2.705 1.00 2.08 ? 3  TYR A HE1  1 
ATOM   55  H HE2  . TYR A 1 3  ? -2.501  5.283  -2.142 1.00 2.82 ? 3  TYR A HE2  1 
ATOM   56  H HH   . TYR A 1 3  ? -2.442  3.748  -4.026 1.00 3.33 ? 3  TYR A HH   1 
ATOM   57  N N    . ILE A 1 4  ? -4.009  2.314  4.660  1.00 0.81 ? 4  ILE A N    1 
ATOM   58  C CA   . ILE A 1 4  ? -3.163  2.404  5.845  1.00 0.97 ? 4  ILE A CA   1 
ATOM   59  C C    . ILE A 1 4  ? -2.225  1.206  5.938  1.00 0.80 ? 4  ILE A C    1 
ATOM   60  O O    . ILE A 1 4  ? -1.011  1.365  6.066  1.00 0.74 ? 4  ILE A O    1 
ATOM   61  C CB   . ILE A 1 4  ? -4.006  2.495  7.131  1.00 1.39 ? 4  ILE A CB   1 
ATOM   62  C CG1  . ILE A 1 4  ? -4.956  3.695  7.064  1.00 1.54 ? 4  ILE A CG1  1 
ATOM   63  C CG2  . ILE A 1 4  ? -3.106  2.591  8.357  1.00 1.92 ? 4  ILE A CG2  1 
ATOM   64  C CD1  . ILE A 1 4  ? -4.257  5.027  6.874  1.00 1.70 ? 4  ILE A CD1  1 
ATOM   65  H H    . ILE A 1 4  ? -4.983  2.290  4.767  1.00 1.05 ? 4  ILE A H    1 
ATOM   66  H HA   . ILE A 1 4  ? -2.571  3.304  5.762  1.00 1.16 ? 4  ILE A HA   1 
ATOM   67  H HB   . ILE A 1 4  ? -4.588  1.590  7.217  1.00 1.73 ? 4  ILE A HB   1 
ATOM   68  H HG12 . ILE A 1 4  ? -5.633  3.560  6.235  1.00 1.72 ? 4  ILE A HG12 1 
ATOM   69  H HG13 . ILE A 1 4  ? -5.524  3.746  7.981  1.00 1.94 ? 4  ILE A HG13 1 
ATOM   70  H HG21 . ILE A 1 4  ? -2.476  3.464  8.272  1.00 2.18 ? 4  ILE A HG21 1 
ATOM   71  H HG22 . ILE A 1 4  ? -2.489  1.707  8.420  1.00 2.40 ? 4  ILE A HG22 1 
ATOM   72  H HG23 . ILE A 1 4  ? -3.714  2.670  9.245  1.00 2.33 ? 4  ILE A HG23 1 
ATOM   73  H HD11 . ILE A 1 4  ? -3.718  5.020  5.939  1.00 1.99 ? 4  ILE A HD11 1 
ATOM   74  H HD12 . ILE A 1 4  ? -3.565  5.190  7.687  1.00 2.16 ? 4  ILE A HD12 1 
ATOM   75  H HD13 . ILE A 1 4  ? -4.991  5.819  6.861  1.00 2.00 ? 4  ILE A HD13 1 
ATOM   76  N N    . GLN A 1 5  ? -2.796  0.008  5.873  1.00 0.87 ? 5  GLN A N    1 
ATOM   77  C CA   . GLN A 1 5  ? -2.009  -1.217 5.941  1.00 0.93 ? 5  GLN A CA   1 
ATOM   78  C C    . GLN A 1 5  ? -1.206  -1.405 4.658  1.00 0.85 ? 5  GLN A C    1 
ATOM   79  O O    . GLN A 1 5  ? -0.432  -2.353 4.526  1.00 1.45 ? 5  GLN A O    1 
ATOM   80  C CB   . GLN A 1 5  ? -2.922  -2.419 6.183  1.00 1.16 ? 5  GLN A CB   1 
ATOM   81  C CG   . GLN A 1 5  ? -4.096  -2.497 5.223  1.00 1.42 ? 5  GLN A CG   1 
ATOM   82  C CD   . GLN A 1 5  ? -5.155  -3.482 5.676  1.00 1.66 ? 5  GLN A CD   1 
ATOM   83  O OE1  . GLN A 1 5  ? -6.097  -3.118 6.377  1.00 1.85 ? 5  GLN A OE1  1 
ATOM   84  N NE2  . GLN A 1 5  ? -5.001  -4.740 5.280  1.00 2.21 ? 5  GLN A NE2  1 
ATOM   85  H H    . GLN A 1 5  ? -3.770  -0.053 5.776  1.00 1.01 ? 5  GLN A H    1 
ATOM   86  H HA   . GLN A 1 5  ? -1.323  -1.123 6.770  1.00 1.03 ? 5  GLN A HA   1 
ATOM   87  H HB2  . GLN A 1 5  ? -2.342  -3.324 6.082  1.00 1.21 ? 5  GLN A HB2  1 
ATOM   88  H HB3  . GLN A 1 5  ? -3.312  -2.363 7.189  1.00 1.41 ? 5  GLN A HB3  1 
ATOM   89  H HG2  . GLN A 1 5  ? -4.546  -1.518 5.145  1.00 1.71 ? 5  GLN A HG2  1 
ATOM   90  H HG3  . GLN A 1 5  ? -3.732  -2.802 4.252  1.00 1.53 ? 5  GLN A HG3  1 
ATOM   91  H HE21 . GLN A 1 5  ? -4.224  -4.959 4.725  1.00 2.58 ? 5  GLN A HE21 1 
ATOM   92  H HE22 . GLN A 1 5  ? -5.671  -5.398 5.560  1.00 2.46 ? 5  GLN A HE22 1 
ATOM   93  N N    . TRP A 1 6  ? -1.402  -0.488 3.717  1.00 0.71 ? 6  TRP A N    1 
ATOM   94  C CA   . TRP A 1 6  ? -0.702  -0.525 2.439  1.00 0.76 ? 6  TRP A CA   1 
ATOM   95  C C    . TRP A 1 6  ? 0.468   0.456  2.450  1.00 0.73 ? 6  TRP A C    1 
ATOM   96  O O    . TRP A 1 6  ? 1.432   0.299  1.701  1.00 1.05 ? 6  TRP A O    1 
ATOM   97  C CB   . TRP A 1 6  ? -1.680  -0.187 1.308  1.00 0.94 ? 6  TRP A CB   1 
ATOM   98  C CG   . TRP A 1 6  ? -1.040  -0.067 -0.042 1.00 0.81 ? 6  TRP A CG   1 
ATOM   99  C CD1  . TRP A 1 6  ? -0.813  -1.074 -0.936 1.00 0.89 ? 6  TRP A CD1  1 
ATOM   100 C CD2  . TRP A 1 6  ? -0.556  1.131  -0.654 1.00 0.74 ? 6  TRP A CD2  1 
ATOM   101 N NE1  . TRP A 1 6  ? -0.215  -0.571 -2.067 1.00 0.87 ? 6  TRP A NE1  1 
ATOM   102 C CE2  . TRP A 1 6  ? -0.047  0.781  -1.917 1.00 0.78 ? 6  TRP A CE2  1 
ATOM   103 C CE3  . TRP A 1 6  ? -0.504  2.470  -0.253 1.00 0.79 ? 6  TRP A CE3  1 
ATOM   104 C CZ2  . TRP A 1 6  ? 0.507   1.720  -2.783 1.00 0.87 ? 6  TRP A CZ2  1 
ATOM   105 C CZ3  . TRP A 1 6  ? 0.045   3.400  -1.114 1.00 0.89 ? 6  TRP A CZ3  1 
ATOM   106 C CH2  . TRP A 1 6  ? 0.543   3.022  -2.367 1.00 0.92 ? 6  TRP A CH2  1 
ATOM   107 H H    . TRP A 1 6  ? -2.038  0.238  3.886  1.00 1.14 ? 6  TRP A H    1 
ATOM   108 H HA   . TRP A 1 6  ? -0.323  -1.525 2.294  1.00 0.97 ? 6  TRP A HA   1 
ATOM   109 H HB2  . TRP A 1 6  ? -2.429  -0.962 1.249  1.00 1.19 ? 6  TRP A HB2  1 
ATOM   110 H HB3  . TRP A 1 6  ? -2.163  0.753  1.531  1.00 1.15 ? 6  TRP A HB3  1 
ATOM   111 H HD1  . TRP A 1 6  ? -1.069  -2.109 -0.766 1.00 1.03 ? 6  TRP A HD1  1 
ATOM   112 H HE1  . TRP A 1 6  ? 0.048   -1.095 -2.853 1.00 0.98 ? 6  TRP A HE1  1 
ATOM   113 H HE3  . TRP A 1 6  ? -0.883  2.780  0.709  1.00 0.85 ? 6  TRP A HE3  1 
ATOM   114 H HZ2  . TRP A 1 6  ? 0.894   1.445  -3.753 1.00 0.99 ? 6  TRP A HZ2  1 
ATOM   115 H HZ3  . TRP A 1 6  ? 0.095   4.439  -0.822 1.00 1.02 ? 6  TRP A HZ3  1 
ATOM   116 H HH2  . TRP A 1 6  ? 0.965   3.783  -3.006 1.00 1.08 ? 6  TRP A HH2  1 
ATOM   117 N N    . LEU A 1 7  ? 0.375   1.465  3.314  1.00 0.66 ? 7  LEU A N    1 
ATOM   118 C CA   . LEU A 1 7  ? 1.419   2.477  3.436  1.00 0.80 ? 7  LEU A CA   1 
ATOM   119 C C    . LEU A 1 7  ? 2.520   2.018  4.386  1.00 0.89 ? 7  LEU A C    1 
ATOM   120 O O    . LEU A 1 7  ? 3.673   2.432  4.264  1.00 1.05 ? 7  LEU A O    1 
ATOM   121 C CB   . LEU A 1 7  ? 0.828   3.795  3.942  1.00 0.90 ? 7  LEU A CB   1 
ATOM   122 C CG   . LEU A 1 7  ? -0.011  4.572  2.926  1.00 1.16 ? 7  LEU A CG   1 
ATOM   123 C CD1  . LEU A 1 7  ? -0.718  5.736  3.602  1.00 1.61 ? 7  LEU A CD1  1 
ATOM   124 C CD2  . LEU A 1 7  ? 0.862   5.071  1.786  1.00 1.63 ? 7  LEU A CD2  1 
ATOM   125 H H    . LEU A 1 7  ? -0.419  1.529  3.886  1.00 0.76 ? 7  LEU A H    1 
ATOM   126 H HA   . LEU A 1 7  ? 1.846   2.635  2.457  1.00 0.93 ? 7  LEU A HA   1 
ATOM   127 H HB2  . LEU A 1 7  ? 0.206   3.578  4.799  1.00 1.14 ? 7  LEU A HB2  1 
ATOM   128 H HB3  . LEU A 1 7  ? 1.641   4.429  4.261  1.00 1.14 ? 7  LEU A HB3  1 
ATOM   129 H HG   . LEU A 1 7  ? -0.764  3.917  2.513  1.00 1.67 ? 7  LEU A HG   1 
ATOM   130 H HD11 . LEU A 1 7  ? -1.319  6.264  2.876  1.00 1.92 ? 7  LEU A HD11 1 
ATOM   131 H HD12 . LEU A 1 7  ? 0.017   6.411  4.017  1.00 2.15 ? 7  LEU A HD12 1 
ATOM   132 H HD13 . LEU A 1 7  ? -1.352  5.364  4.393  1.00 2.13 ? 7  LEU A HD13 1 
ATOM   133 H HD21 . LEU A 1 7  ? 1.323   4.230  1.290  1.00 2.08 ? 7  LEU A HD21 1 
ATOM   134 H HD22 . LEU A 1 7  ? 1.630   5.722  2.178  1.00 2.02 ? 7  LEU A HD22 1 
ATOM   135 H HD23 . LEU A 1 7  ? 0.255   5.617  1.079  1.00 2.10 ? 7  LEU A HD23 1 
ATOM   136 N N    . LYS A 1 8  ? 2.154   1.164  5.336  1.00 0.94 ? 8  LYS A N    1 
ATOM   137 C CA   . LYS A 1 8  ? 3.105   0.656  6.317  1.00 1.08 ? 8  LYS A CA   1 
ATOM   138 C C    . LYS A 1 8  ? 3.897   -0.524 5.766  1.00 1.20 ? 8  LYS A C    1 
ATOM   139 O O    . LYS A 1 8  ? 4.895   -0.940 6.355  1.00 1.72 ? 8  LYS A O    1 
ATOM   140 C CB   . LYS A 1 8  ? 2.371   0.225  7.589  1.00 1.19 ? 8  LYS A CB   1 
ATOM   141 C CG   . LYS A 1 8  ? 1.290   -0.815 7.336  1.00 1.02 ? 8  LYS A CG   1 
ATOM   142 C CD   . LYS A 1 8  ? 0.858   -1.511 8.618  1.00 1.23 ? 8  LYS A CD   1 
ATOM   143 C CE   . LYS A 1 8  ? 0.020   -0.601 9.504  1.00 1.65 ? 8  LYS A CE   1 
ATOM   144 N NZ   . LYS A 1 8  ? 0.863   0.327  10.304 1.00 2.58 ? 8  LYS A NZ   1 
ATOM   145 H H    . LYS A 1 8  ? 1.221   0.868  5.378  1.00 1.00 ? 8  LYS A H    1 
ATOM   146 H HA   . LYS A 1 8  ? 3.789   1.454  6.562  1.00 1.22 ? 8  LYS A HA   1 
ATOM   147 H HB2  . LYS A 1 8  ? 3.086   -0.190 8.283  1.00 1.77 ? 8  LYS A HB2  1 
ATOM   148 H HB3  . LYS A 1 8  ? 1.909   1.092  8.037  1.00 1.81 ? 8  LYS A HB3  1 
ATOM   149 H HG2  . LYS A 1 8  ? 0.433   -0.326 6.900  1.00 1.57 ? 8  LYS A HG2  1 
ATOM   150 H HG3  . LYS A 1 8  ? 1.673   -1.553 6.647  1.00 1.52 ? 8  LYS A HG3  1 
ATOM   151 H HD2  . LYS A 1 8  ? 0.272   -2.381 8.362  1.00 1.75 ? 8  LYS A HD2  1 
ATOM   152 H HD3  . LYS A 1 8  ? 1.739   -1.817 9.163  1.00 1.48 ? 8  LYS A HD3  1 
ATOM   153 H HE2  . LYS A 1 8  ? -0.642  -0.022 8.878  1.00 1.85 ? 8  LYS A HE2  1 
ATOM   154 H HE3  . LYS A 1 8  ? -0.565  -1.212 10.175 1.00 1.88 ? 8  LYS A HE3  1 
ATOM   155 H HZ1  . LYS A 1 8  ? 0.266   0.898  10.936 1.00 3.05 ? 8  LYS A HZ1  1 
ATOM   156 H HZ2  . LYS A 1 8  ? 1.389   0.966  9.675  1.00 3.03 ? 8  LYS A HZ2  1 
ATOM   157 H HZ3  . LYS A 1 8  ? 1.542   -0.212 10.879 1.00 2.89 ? 8  LYS A HZ3  1 
ATOM   158 N N    . ASP A 1 9  ? 3.456   -1.059 4.633  1.00 1.12 ? 9  ASP A N    1 
ATOM   159 C CA   . ASP A 1 9  ? 4.128   -2.203 4.027  1.00 1.30 ? 9  ASP A CA   1 
ATOM   160 C C    . ASP A 1 9  ? 5.137   -1.771 2.972  1.00 1.58 ? 9  ASP A C    1 
ATOM   161 O O    . ASP A 1 9  ? 5.850   -2.602 2.412  1.00 2.26 ? 9  ASP A O    1 
ATOM   162 C CB   . ASP A 1 9  ? 3.109   -3.154 3.407  1.00 1.78 ? 9  ASP A CB   1 
ATOM   163 C CG   . ASP A 1 9  ? 3.657   -4.558 3.270  1.00 2.53 ? 9  ASP A CG   1 
ATOM   164 O OD1  . ASP A 1 9  ? 4.331   -4.838 2.259  1.00 2.77 ? 9  ASP A OD1  1 
ATOM   165 O OD2  . ASP A 1 9  ? 3.417   -5.376 4.181  1.00 3.36 ? 9  ASP A OD2  1 
ATOM   166 H H    . ASP A 1 9  ? 2.664   -0.680 4.197  1.00 1.27 ? 9  ASP A H    1 
ATOM   167 H HA   . ASP A 1 9  ? 4.655   -2.725 4.811  1.00 1.72 ? 9  ASP A HA   1 
ATOM   168 H HB2  . ASP A 1 9  ? 2.228   -3.187 4.031  1.00 2.20 ? 9  ASP A HB2  1 
ATOM   169 H HB3  . ASP A 1 9  ? 2.839   -2.793 2.425  1.00 1.97 ? 9  ASP A HB3  1 
HETATM 170 N N    . DGN A 1 10 ? 5.194   -0.473 2.698  1.00 1.92 ? 10 DGN A N    1 
HETATM 171 C CA   . DGN A 1 10 ? 6.132   0.055  1.712  1.00 2.79 ? 10 DGN A CA   1 
HETATM 172 C C    . DGN A 1 10 ? 5.411   0.572  0.473  1.00 2.69 ? 10 DGN A C    1 
HETATM 173 O O    . DGN A 1 10 ? 6.010   0.689  -0.596 1.00 3.59 ? 10 DGN A O    1 
HETATM 174 C CB   . DGN A 1 10 ? 6.974   1.171  2.327  1.00 3.65 ? 10 DGN A CB   1 
HETATM 175 C CG   . DGN A 1 10 ? 8.135   0.673  3.173  1.00 4.11 ? 10 DGN A CG   1 
HETATM 176 C CD   . DGN A 1 10 ? 7.709   -0.321 4.234  1.00 5.01 ? 10 DGN A CD   1 
HETATM 177 O OE1  . DGN A 1 10 ? 7.756   -1.532 4.019  1.00 5.46 ? 10 DGN A OE1  1 
HETATM 178 N NE2  . DGN A 1 10 ? 7.282   0.185  5.382  1.00 5.62 ? 10 DGN A NE2  1 
HETATM 179 H H    . DGN A 1 10 ? 4.594   0.143  3.168  1.00 2.01 ? 10 DGN A H    1 
HETATM 180 H HA   . DGN A 1 10 ? 6.790   -0.746 1.422  1.00 3.22 ? 10 DGN A HA   1 
HETATM 181 H HB2  . DGN A 1 10 ? 7.375   1.782  1.532  1.00 4.30 ? 10 DGN A HB2  1 
HETATM 182 H HB3  . DGN A 1 10 ? 6.338   1.782  2.951  1.00 3.68 ? 10 DGN A HB3  1 
HETATM 183 H HG2  . DGN A 1 10 ? 8.856   0.197  2.526  1.00 4.02 ? 10 DGN A HG2  1 
HETATM 184 H HG3  . DGN A 1 10 ? 8.595   1.520  3.661  1.00 4.28 ? 10 DGN A HG3  1 
HETATM 185 H HE21 . DGN A 1 10 ? 7.266   1.161  5.480  1.00 5.52 ? 10 DGN A HE21 1 
HETATM 186 H HE22 . DGN A 1 10 ? 7.001   -0.435 6.086  1.00 6.32 ? 10 DGN A HE22 1 
ATOM   187 N N    . GLY A 1 11 ? 4.129   0.884  0.621  1.00 1.85 ? 11 GLY A N    1 
ATOM   188 C CA   . GLY A 1 11 ? 3.353   1.393  -0.496 1.00 1.86 ? 11 GLY A CA   1 
ATOM   189 C C    . GLY A 1 11 ? 3.448   0.508  -1.730 1.00 1.48 ? 11 GLY A C    1 
ATOM   190 O O    . GLY A 1 11 ? 3.304   -0.709 -1.625 1.00 2.00 ? 11 GLY A O    1 
ATOM   191 H H    . GLY A 1 11 ? 3.703   0.767  1.497  1.00 1.58 ? 11 GLY A H    1 
ATOM   192 H HA2  . GLY A 1 11 ? 2.318   1.464  -0.197 1.00 2.60 ? 11 GLY A HA2  1 
ATOM   193 H HA3  . GLY A 1 11 ? 3.711   2.380  -0.743 1.00 1.91 ? 11 GLY A HA3  1 
ATOM   194 N N    . PRO A 1 12 ? 3.701   1.090  -2.920 1.00 1.18 ? 12 PRO A N    1 
ATOM   195 C CA   . PRO A 1 12 ? 3.802   0.322  -4.159 1.00 1.64 ? 12 PRO A CA   1 
ATOM   196 C C    . PRO A 1 12 ? 5.166   -0.327 -4.319 1.00 2.16 ? 12 PRO A C    1 
ATOM   197 O O    . PRO A 1 12 ? 5.347   -1.227 -5.137 1.00 2.80 ? 12 PRO A O    1 
ATOM   198 C CB   . PRO A 1 12 ? 3.584   1.383  -5.233 1.00 1.50 ? 12 PRO A CB   1 
ATOM   199 C CG   . PRO A 1 12 ? 4.146   2.630  -4.643 1.00 1.36 ? 12 PRO A CG   1 
ATOM   200 C CD   . PRO A 1 12 ? 3.922   2.534  -3.154 1.00 1.33 ? 12 PRO A CD   1 
ATOM   201 H HA   . PRO A 1 12 ? 3.030   -0.430 -4.227 1.00 2.27 ? 12 PRO A HA   1 
ATOM   202 H HB2  . PRO A 1 12 ? 4.107   1.099  -6.136 1.00 1.85 ? 12 PRO A HB2  1 
ATOM   203 H HB3  . PRO A 1 12 ? 2.529   1.484  -5.436 1.00 1.89 ? 12 PRO A HB3  1 
ATOM   204 H HG2  . PRO A 1 12 ? 5.203   2.693  -4.859 1.00 1.74 ? 12 PRO A HG2  1 
ATOM   205 H HG3  . PRO A 1 12 ? 3.628   3.489  -5.043 1.00 1.79 ? 12 PRO A HG3  1 
ATOM   206 H HD2  . PRO A 1 12 ? 4.796   2.878  -2.620 1.00 1.61 ? 12 PRO A HD2  1 
ATOM   207 H HD3  . PRO A 1 12 ? 3.055   3.107  -2.868 1.00 1.99 ? 12 PRO A HD3  1 
ATOM   208 N N    . SER A 1 13 ? 6.123   0.140  -3.528 1.00 2.44 ? 13 SER A N    1 
ATOM   209 C CA   . SER A 1 13 ? 7.478   -0.387 -3.574 1.00 3.23 ? 13 SER A CA   1 
ATOM   210 C C    . SER A 1 13 ? 7.499   -1.860 -3.187 1.00 2.80 ? 13 SER A C    1 
ATOM   211 O O    . SER A 1 13 ? 7.721   -2.730 -4.026 1.00 3.48 ? 13 SER A O    1 
ATOM   212 C CB   . SER A 1 13 ? 8.384   0.410  -2.638 1.00 4.09 ? 13 SER A CB   1 
ATOM   213 O OG   . SER A 1 13 ? 8.239   1.801  -2.859 1.00 4.69 ? 13 SER A OG   1 
ATOM   214 H H    . SER A 1 13 ? 5.913   0.858  -2.895 1.00 2.45 ? 13 SER A H    1 
ATOM   215 H HA   . SER A 1 13 ? 7.841   -0.287 -4.586 1.00 3.83 ? 13 SER A HA   1 
ATOM   216 H HB2  . SER A 1 13 ? 8.123   0.192  -1.614 1.00 4.18 ? 13 SER A HB2  1 
ATOM   217 H HB3  . SER A 1 13 ? 9.413   0.135  -2.815 1.00 4.59 ? 13 SER A HB3  1 
ATOM   218 H HG   . SER A 1 13 ? 8.400   1.998  -3.784 1.00 4.85 ? 13 SER A HG   1 
ATOM   219 N N    . SER A 1 14 ? 7.265   -2.131 -1.910 1.00 1.89 ? 14 SER A N    1 
ATOM   220 C CA   . SER A 1 14 ? 7.255   -3.498 -1.412 1.00 1.81 ? 14 SER A CA   1 
ATOM   221 C C    . SER A 1 14 ? 5.832   -3.954 -1.118 1.00 1.84 ? 14 SER A C    1 
ATOM   222 O O    . SER A 1 14 ? 5.600   -4.760 -0.217 1.00 2.42 ? 14 SER A O    1 
ATOM   223 C CB   . SER A 1 14 ? 8.118   -3.608 -0.155 1.00 2.19 ? 14 SER A CB   1 
ATOM   224 O OG   . SER A 1 14 ? 7.844   -2.549 0.743  1.00 2.68 ? 14 SER A OG   1 
ATOM   225 H H    . SER A 1 14 ? 7.093   -1.394 -1.288 1.00 1.61 ? 14 SER A H    1 
ATOM   226 H HA   . SER A 1 14 ? 7.672   -4.133 -2.180 1.00 2.04 ? 14 SER A HA   1 
ATOM   227 H HB2  . SER A 1 14 ? 7.910   -4.544 0.340  1.00 2.32 ? 14 SER A HB2  1 
ATOM   228 H HB3  . SER A 1 14 ? 9.161   -3.570 -0.432 1.00 2.50 ? 14 SER A HB3  1 
ATOM   229 H HG   . SER A 1 14 ? 8.589   -1.943 0.761  1.00 2.97 ? 14 SER A HG   1 
ATOM   230 N N    . GLY A 1 15 ? 4.881   -3.435 -1.889 1.00 1.63 ? 15 GLY A N    1 
ATOM   231 C CA   . GLY A 1 15 ? 3.490   -3.798 -1.695 1.00 2.10 ? 15 GLY A CA   1 
ATOM   232 C C    . GLY A 1 15 ? 2.796   -4.162 -2.993 1.00 1.59 ? 15 GLY A C    1 
ATOM   233 O O    . GLY A 1 15 ? 2.982   -5.260 -3.517 1.00 1.92 ? 15 GLY A O    1 
ATOM   234 H H    . GLY A 1 15 ? 5.127   -2.802 -2.596 1.00 1.50 ? 15 GLY A H    1 
ATOM   235 H HA2  . GLY A 1 15 ? 3.441   -4.644 -1.025 1.00 2.77 ? 15 GLY A HA2  1 
ATOM   236 H HA3  . GLY A 1 15 ? 2.972   -2.965 -1.245 1.00 2.59 ? 15 GLY A HA3  1 
ATOM   237 N N    . ARG A 1 16 ? 1.998   -3.236 -3.511 1.00 1.11 ? 16 ARG A N    1 
ATOM   238 C CA   . ARG A 1 16 ? 1.268   -3.467 -4.752 1.00 0.79 ? 16 ARG A CA   1 
ATOM   239 C C    . ARG A 1 16 ? 0.978   -2.147 -5.461 1.00 0.56 ? 16 ARG A C    1 
ATOM   240 O O    . ARG A 1 16 ? 0.943   -1.094 -4.824 1.00 0.60 ? 16 ARG A O    1 
ATOM   241 C CB   . ARG A 1 16 ? -0.049  -4.190 -4.458 1.00 0.98 ? 16 ARG A CB   1 
ATOM   242 C CG   . ARG A 1 16 ? -1.044  -3.341 -3.683 1.00 1.03 ? 16 ARG A CG   1 
ATOM   243 C CD   . ARG A 1 16 ? -2.382  -4.043 -3.531 1.00 1.18 ? 16 ARG A CD   1 
ATOM   244 N NE   . ARG A 1 16 ? -2.267  -5.285 -2.773 1.00 1.95 ? 16 ARG A NE   1 
ATOM   245 C CZ   . ARG A 1 16 ? -3.292  -5.874 -2.167 1.00 2.50 ? 16 ARG A CZ   1 
ATOM   246 N NH1  . ARG A 1 16 ? -4.500  -5.333 -2.222 1.00 2.47 ? 16 ARG A NH1  1 
ATOM   247 N NH2  . ARG A 1 16 ? -3.109  -7.005 -1.502 1.00 3.52 ? 16 ARG A NH2  1 
ATOM   248 H H    . ARG A 1 16 ? 1.897   -2.378 -3.050 1.00 1.28 ? 16 ARG A H    1 
ATOM   249 H HA   . ARG A 1 16 ? 1.879   -4.086 -5.391 1.00 1.01 ? 16 ARG A HA   1 
ATOM   250 H HB2  . ARG A 1 16 ? -0.505  -4.478 -5.395 1.00 1.55 ? 16 ARG A HB2  1 
ATOM   251 H HB3  . ARG A 1 16 ? 0.162   -5.078 -3.881 1.00 1.58 ? 16 ARG A HB3  1 
ATOM   252 H HG2  . ARG A 1 16 ? -0.642  -3.140 -2.702 1.00 1.52 ? 16 ARG A HG2  1 
ATOM   253 H HG3  . ARG A 1 16 ? -1.194  -2.410 -4.211 1.00 1.45 ? 16 ARG A HG3  1 
ATOM   254 H HD2  . ARG A 1 16 ? -3.064  -3.383 -3.018 1.00 1.51 ? 16 ARG A HD2  1 
ATOM   255 H HD3  . ARG A 1 16 ? -2.770  -4.268 -4.514 1.00 1.56 ? 16 ARG A HD3  1 
ATOM   256 H HE   . ARG A 1 16 ? -1.381  -5.700 -2.714 1.00 2.49 ? 16 ARG A HE   1 
ATOM   257 H HH11 . ARG A 1 16 ? -4.644  -4.478 -2.722 1.00 2.21 ? 16 ARG A HH11 1 
ATOM   258 H HH12 . ARG A 1 16 ? -5.270  -5.780 -1.765 1.00 3.08 ? 16 ARG A HH12 1 
ATOM   259 H HH21 . ARG A 1 16 ? -2.199  -7.416 -1.456 1.00 3.97 ? 16 ARG A HH21 1 
ATOM   260 H HH22 . ARG A 1 16 ? -3.881  -7.448 -1.048 1.00 4.00 ? 16 ARG A HH22 1 
ATOM   261 N N    . PRO A 1 17 ? 0.768   -2.181 -6.793 1.00 0.71 ? 17 PRO A N    1 
ATOM   262 C CA   . PRO A 1 17 ? 0.461   -0.973 -7.561 1.00 0.86 ? 17 PRO A CA   1 
ATOM   263 C C    . PRO A 1 17 ? -0.719  -0.224 -6.947 1.00 0.78 ? 17 PRO A C    1 
ATOM   264 O O    . PRO A 1 17 ? -1.712  -0.850 -6.584 1.00 0.78 ? 17 PRO A O    1 
ATOM   265 C CB   . PRO A 1 17 ? 0.092   -1.513 -8.945 1.00 1.20 ? 17 PRO A CB   1 
ATOM   266 C CG   . PRO A 1 17 ? 0.791   -2.824 -9.040 1.00 1.23 ? 17 PRO A CG   1 
ATOM   267 C CD   . PRO A 1 17 ? 0.813   -3.384 -7.645 1.00 0.99 ? 17 PRO A CD   1 
ATOM   268 H HA   . PRO A 1 17 ? 1.316   -0.320 -7.635 1.00 0.97 ? 17 PRO A HA   1 
ATOM   269 H HB2  . PRO A 1 17 ? -0.979  -1.629 -9.015 1.00 1.30 ? 17 PRO A HB2  1 
ATOM   270 H HB3  . PRO A 1 17 ? 0.437   -0.827 -9.705 1.00 1.40 ? 17 PRO A HB3  1 
ATOM   271 H HG2  . PRO A 1 17 ? 0.246   -3.484 -9.700 1.00 1.49 ? 17 PRO A HG2  1 
ATOM   272 H HG3  . PRO A 1 17 ? 1.798   -2.679 -9.402 1.00 1.31 ? 17 PRO A HG3  1 
ATOM   273 H HD2  . PRO A 1 17 ? -0.051  -4.010 -7.476 1.00 1.10 ? 17 PRO A HD2  1 
ATOM   274 H HD3  . PRO A 1 17 ? 1.723   -3.941 -7.477 1.00 1.09 ? 17 PRO A HD3  1 
ATOM   275 N N    . PRO A 1 18 ? -0.629  1.121  -6.834 1.00 1.24 ? 18 PRO A N    1 
ATOM   276 C CA   . PRO A 1 18 ? -1.682  1.947  -6.239 1.00 1.42 ? 18 PRO A CA   1 
ATOM   277 C C    . PRO A 1 18 ? -3.088  1.435  -6.533 1.00 0.96 ? 18 PRO A C    1 
ATOM   278 O O    . PRO A 1 18 ? -3.653  1.727  -7.588 1.00 1.20 ? 18 PRO A O    1 
ATOM   279 C CB   . PRO A 1 18 ? -1.455  3.299  -6.901 1.00 2.18 ? 18 PRO A CB   1 
ATOM   280 C CG   . PRO A 1 18 ? 0.021   3.370  -7.103 1.00 2.47 ? 18 PRO A CG   1 
ATOM   281 C CD   . PRO A 1 18 ? 0.500   1.951  -7.302 1.00 1.92 ? 18 PRO A CD   1 
ATOM   282 H HA   . PRO A 1 18 ? -1.550  2.044  -5.172 1.00 1.70 ? 18 PRO A HA   1 
ATOM   283 H HB2  . PRO A 1 18 ? -1.987  3.339  -7.840 1.00 2.25 ? 18 PRO A HB2  1 
ATOM   284 H HB3  . PRO A 1 18 ? -1.802  4.087  -6.249 1.00 2.60 ? 18 PRO A HB3  1 
ATOM   285 H HG2  . PRO A 1 18 ? 0.241   3.964  -7.977 1.00 2.58 ? 18 PRO A HG2  1 
ATOM   286 H HG3  . PRO A 1 18 ? 0.488   3.803  -6.231 1.00 3.07 ? 18 PRO A HG3  1 
ATOM   287 H HD2  . PRO A 1 18 ? 0.703   1.767  -8.347 1.00 1.89 ? 18 PRO A HD2  1 
ATOM   288 H HD3  . PRO A 1 18 ? 1.382   1.767  -6.709 1.00 2.25 ? 18 PRO A HD3  1 
ATOM   289 N N    . PRO A 1 19 ? -3.677  0.662  -5.601 1.00 0.70 ? 19 PRO A N    1 
ATOM   290 C CA   . PRO A 1 19 ? -5.016  0.117  -5.771 1.00 1.17 ? 19 PRO A CA   1 
ATOM   291 C C    . PRO A 1 19 ? -6.084  1.126  -5.383 1.00 1.47 ? 19 PRO A C    1 
ATOM   292 O O    . PRO A 1 19 ? -5.820  2.326  -5.311 1.00 1.65 ? 19 PRO A O    1 
ATOM   293 C CB   . PRO A 1 19 ? -5.023  -1.071 -4.816 1.00 1.69 ? 19 PRO A CB   1 
ATOM   294 C CG   . PRO A 1 19 ? -4.117  -0.662 -3.704 1.00 1.33 ? 19 PRO A CG   1 
ATOM   295 C CD   . PRO A 1 19 ? -3.088  0.265  -4.303 1.00 0.64 ? 19 PRO A CD   1 
ATOM   296 H HA   . PRO A 1 19 ? -5.185  -0.223 -6.783 1.00 1.53 ? 19 PRO A HA   1 
ATOM   297 H HB2  . PRO A 1 19 ? -6.028  -1.249 -4.463 1.00 2.13 ? 19 PRO A HB2  1 
ATOM   298 H HB3  . PRO A 1 19 ? -4.652  -1.950 -5.323 1.00 2.15 ? 19 PRO A HB3  1 
ATOM   299 H HG2  . PRO A 1 19 ? -4.683  -0.148 -2.942 1.00 1.72 ? 19 PRO A HG2  1 
ATOM   300 H HG3  . PRO A 1 19 ? -3.635  -1.534 -3.285 1.00 1.55 ? 19 PRO A HG3  1 
ATOM   301 H HD2  . PRO A 1 19 ? -2.943  1.126  -3.668 1.00 1.00 ? 19 PRO A HD2  1 
ATOM   302 H HD3  . PRO A 1 19 ? -2.153  -0.256 -4.449 1.00 0.65 ? 19 PRO A HD3  1 
ATOM   303 N N    . SER A 1 20 ? -7.289  0.637  -5.133 1.00 2.06 ? 20 SER A N    1 
ATOM   304 C CA   . SER A 1 20 ? -8.388  1.504  -4.746 1.00 2.68 ? 20 SER A CA   1 
ATOM   305 C C    . SER A 1 20 ? -8.499  1.577  -3.231 1.00 3.46 ? 20 SER A C    1 
ATOM   306 O O    . SER A 1 20 ? -9.255  0.771  -2.653 1.00 3.98 ? 20 SER A O    1 
ATOM   307 C CB   . SER A 1 20 ? -9.699  1.003  -5.345 1.00 3.01 ? 20 SER A CB   1 
ATOM   308 O OG   . SER A 1 20 ? -10.765 1.879  -5.033 1.00 3.20 ? 20 SER A OG   1 
ATOM   309 O OXT  . SER A 1 20 ? -7.821  2.438  -2.631 1.00 3.99 ? 20 SER A OXT  1 
ATOM   310 H H    . SER A 1 20 ? -7.442  -0.328 -5.210 1.00 2.29 ? 20 SER A H    1 
ATOM   311 H HA   . SER A 1 20 ? -8.181  2.492  -5.128 1.00 2.82 ? 20 SER A HA   1 
ATOM   312 H HB2  . SER A 1 20 ? -9.603  0.941  -6.420 1.00 3.31 ? 20 SER A HB2  1 
ATOM   313 H HB3  . SER A 1 20 ? -9.924  0.024  -4.947 1.00 3.45 ? 20 SER A HB3  1 
ATOM   314 H HG   . SER A 1 20 ? -11.585 1.382  -4.985 1.00 3.28 ? 20 SER A HG   1 
# 
